data_3CZ9
#
_entry.id   3CZ9
#
_cell.length_a   74.695
_cell.length_b   74.695
_cell.length_c   74.877
_cell.angle_alpha   90.00
_cell.angle_beta   90.00
_cell.angle_gamma   120.00
#
_symmetry.space_group_name_H-M   'P 31 2 1'
#
loop_
_entity.id
_entity.type
_entity.pdbx_description
1 polymer 'Protein DJ-1'
2 non-polymer 'O-ACETALDEHYDYL-HEXAETHYLENE GLYCOL'
3 water water
#
_entity_poly.entity_id   1
_entity_poly.type   'polypeptide(L)'
_entity_poly.pdbx_seq_one_letter_code
;MASKRALVILAKGAEEMLTVIPVDVMRRAGIKVTVAGLAGKDPVQCSRDVVICPDASLEDAKKEGPYDVVVLPGGNLGAQ
NLSESAAVKEILKEQENRKGLIAAICAGPTALLAHEIGFGSKVTTHPLAKDKMMNGGHYTYSENRVEKDGLILTSRGPGT
SFEFALAIVEALNGKEVAAQVKAPLVLKDLEHHHHHH
;
_entity_poly.pdbx_strand_id   A
#
# COMPACT_ATOMS: atom_id res chain seq x y z
N ALA A 2 17.41 -11.09 -10.04
CA ALA A 2 16.37 -10.09 -10.27
C ALA A 2 15.63 -9.72 -9.02
N SER A 3 15.70 -8.42 -8.69
CA SER A 3 14.96 -7.97 -7.50
C SER A 3 13.52 -7.63 -7.86
N LYS A 4 12.74 -7.77 -6.80
N LYS A 4 12.67 -7.79 -6.85
CA LYS A 4 11.33 -7.40 -6.83
CA LYS A 4 11.26 -7.39 -7.00
C LYS A 4 11.21 -5.87 -6.72
C LYS A 4 11.17 -5.87 -6.92
N ARG A 5 10.11 -5.35 -7.26
N ARG A 5 10.02 -5.36 -7.38
CA ARG A 5 9.87 -3.92 -7.32
CA ARG A 5 9.78 -3.93 -7.49
C ARG A 5 8.50 -3.60 -6.76
C ARG A 5 8.46 -3.54 -6.84
N ALA A 6 8.47 -2.45 -6.08
CA ALA A 6 7.26 -1.93 -5.42
C ALA A 6 6.98 -0.52 -5.86
N LEU A 7 5.73 -0.20 -6.08
CA LEU A 7 5.24 1.14 -6.33
C LEU A 7 4.45 1.60 -5.11
N VAL A 8 4.86 2.68 -4.48
CA VAL A 8 4.13 3.27 -3.34
C VAL A 8 3.56 4.58 -3.82
N ILE A 9 2.24 4.72 -3.79
CA ILE A 9 1.59 5.90 -4.32
C ILE A 9 1.32 6.88 -3.19
N LEU A 10 1.93 8.05 -3.31
CA LEU A 10 1.95 9.06 -2.26
C LEU A 10 1.14 10.29 -2.65
N ALA A 11 0.05 10.51 -1.95
CA ALA A 11 -0.88 11.63 -2.16
C ALA A 11 -0.89 12.57 -0.97
N LYS A 12 -1.27 13.83 -1.22
N LYS A 12 -1.24 13.83 -1.21
CA LYS A 12 -1.47 14.79 -0.17
CA LYS A 12 -1.40 14.77 -0.12
C LYS A 12 -2.37 14.21 0.92
C LYS A 12 -2.36 14.20 0.93
N GLY A 13 -1.98 14.36 2.17
CA GLY A 13 -2.78 13.86 3.28
C GLY A 13 -2.55 12.40 3.60
N ALA A 14 -1.63 11.74 2.93
CA ALA A 14 -1.25 10.41 3.31
C ALA A 14 -0.69 10.39 4.74
N GLU A 15 -0.88 9.29 5.42
CA GLU A 15 -0.30 9.09 6.76
C GLU A 15 1.19 8.82 6.56
N GLU A 16 2.06 9.69 7.06
CA GLU A 16 3.47 9.57 6.81
C GLU A 16 4.10 8.32 7.43
N MET A 17 3.61 7.86 8.59
CA MET A 17 4.13 6.61 9.14
C MET A 17 3.80 5.44 8.24
N LEU A 18 2.56 5.44 7.72
CA LEU A 18 2.07 4.38 6.87
C LEU A 18 2.72 4.38 5.49
N THR A 19 3.38 5.48 5.15
CA THR A 19 4.18 5.59 3.94
C THR A 19 5.61 5.15 4.21
N VAL A 20 6.26 5.75 5.20
CA VAL A 20 7.67 5.52 5.43
C VAL A 20 8.00 4.15 5.96
N ILE A 21 7.19 3.58 6.85
CA ILE A 21 7.53 2.26 7.40
C ILE A 21 7.57 1.23 6.27
N PRO A 22 6.53 1.14 5.42
CA PRO A 22 6.64 0.16 4.32
C PRO A 22 7.77 0.46 3.34
N VAL A 23 8.02 1.71 2.98
CA VAL A 23 9.13 2.01 2.08
C VAL A 23 10.45 1.55 2.64
N ASP A 24 10.70 1.89 3.90
CA ASP A 24 11.97 1.57 4.56
C ASP A 24 12.15 0.07 4.71
N VAL A 25 11.15 -0.62 5.25
CA VAL A 25 11.26 -2.05 5.45
C VAL A 25 11.41 -2.79 4.12
N MET A 26 10.67 -2.36 3.07
CA MET A 26 10.86 -3.00 1.76
C MET A 26 12.25 -2.78 1.22
N ARG A 27 12.82 -1.59 1.38
CA ARG A 27 14.20 -1.34 0.95
C ARG A 27 15.20 -2.17 1.75
N ARG A 28 14.96 -2.37 3.04
CA ARG A 28 15.80 -3.26 3.83
C ARG A 28 15.78 -4.70 3.29
N ALA A 29 14.67 -5.10 2.69
CA ALA A 29 14.51 -6.40 2.08
C ALA A 29 15.09 -6.50 0.68
N GLY A 30 15.70 -5.44 0.17
CA GLY A 30 16.29 -5.42 -1.17
C GLY A 30 15.26 -5.24 -2.26
N ILE A 31 14.04 -4.86 -1.95
CA ILE A 31 13.05 -4.53 -2.95
C ILE A 31 13.39 -3.18 -3.52
N LYS A 32 13.23 -2.99 -4.83
CA LYS A 32 13.42 -1.70 -5.49
C LYS A 32 12.09 -0.94 -5.38
N VAL A 33 12.07 0.08 -4.54
CA VAL A 33 10.83 0.82 -4.24
C VAL A 33 10.86 2.15 -4.95
N THR A 34 9.76 2.47 -5.61
CA THR A 34 9.55 3.80 -6.18
C THR A 34 8.42 4.49 -5.40
N VAL A 35 8.75 5.62 -4.77
CA VAL A 35 7.77 6.47 -4.13
C VAL A 35 7.27 7.44 -5.17
N ALA A 36 6.02 7.28 -5.60
CA ALA A 36 5.48 8.03 -6.73
C ALA A 36 4.46 9.03 -6.24
N GLY A 37 4.64 10.28 -6.63
CA GLY A 37 3.69 11.32 -6.24
C GLY A 37 2.52 11.35 -7.15
N LEU A 38 1.34 11.19 -6.54
CA LEU A 38 0.11 11.23 -7.30
C LEU A 38 0.01 12.47 -8.15
N ALA A 39 0.31 13.63 -7.51
CA ALA A 39 0.10 14.90 -8.17
C ALA A 39 1.21 15.35 -9.05
N GLY A 40 2.31 14.65 -9.10
CA GLY A 40 3.47 15.12 -9.81
C GLY A 40 4.72 14.85 -8.98
N LYS A 41 5.82 15.49 -9.34
CA LYS A 41 7.14 15.36 -8.74
C LYS A 41 7.32 16.15 -7.45
N ASP A 42 6.40 17.06 -7.18
CA ASP A 42 6.61 17.99 -6.10
C ASP A 42 6.49 17.34 -4.70
N PRO A 43 7.07 17.99 -3.69
CA PRO A 43 6.96 17.48 -2.34
C PRO A 43 5.51 17.33 -1.92
N VAL A 44 5.25 16.34 -1.06
CA VAL A 44 3.94 15.97 -0.58
C VAL A 44 3.82 16.22 0.91
N GLN A 45 2.78 17.03 1.27
CA GLN A 45 2.45 17.32 2.64
C GLN A 45 1.58 16.22 3.20
N CYS A 46 2.11 15.45 4.12
CA CYS A 46 1.40 14.33 4.74
C CYS A 46 0.47 14.81 5.84
N SER A 47 -0.31 13.88 6.37
CA SER A 47 -1.37 14.17 7.31
C SER A 47 -0.93 14.91 8.57
N ARG A 48 0.25 14.58 9.08
CA ARG A 48 0.84 15.22 10.27
C ARG A 48 1.97 16.14 9.86
N ASP A 49 1.88 16.69 8.64
CA ASP A 49 2.69 17.79 8.14
C ASP A 49 4.15 17.43 7.87
N VAL A 50 4.54 16.16 7.94
CA VAL A 50 5.82 15.74 7.40
C VAL A 50 5.75 15.89 5.87
N VAL A 51 6.80 16.46 5.30
CA VAL A 51 6.86 16.72 3.87
C VAL A 51 7.87 15.77 3.23
N ILE A 52 7.40 14.93 2.34
CA ILE A 52 8.22 13.91 1.70
C ILE A 52 8.37 14.23 0.23
N CYS A 53 9.57 14.14 -0.31
N CYS A 53 9.58 14.13 -0.29
CA CYS A 53 9.81 14.35 -1.73
CA CYS A 53 9.80 14.35 -1.72
C CYS A 53 9.73 13.03 -2.49
C CYS A 53 9.77 13.03 -2.48
N PRO A 54 8.82 12.86 -3.42
N PRO A 54 8.78 12.83 -3.34
CA PRO A 54 8.75 11.58 -4.11
CA PRO A 54 8.69 11.56 -4.07
C PRO A 54 9.92 11.35 -5.03
C PRO A 54 9.87 11.33 -4.99
N ASP A 55 10.17 10.09 -5.33
CA ASP A 55 11.19 9.68 -6.28
C ASP A 55 10.83 10.08 -7.70
N ALA A 56 9.56 10.08 -8.06
CA ALA A 56 9.09 10.33 -9.38
C ALA A 56 7.62 10.71 -9.29
N SER A 57 7.10 11.26 -10.37
CA SER A 57 5.66 11.39 -10.51
C SER A 57 5.05 10.00 -10.79
N LEU A 58 3.77 9.85 -10.44
CA LEU A 58 3.07 8.62 -10.80
C LEU A 58 3.06 8.40 -12.30
N GLU A 59 2.90 9.47 -13.07
CA GLU A 59 2.89 9.32 -14.53
C GLU A 59 4.16 8.65 -15.05
N ASP A 60 5.26 9.14 -14.52
CA ASP A 60 6.55 8.58 -14.94
C ASP A 60 6.77 7.19 -14.39
N ALA A 61 6.38 6.98 -13.13
CA ALA A 61 6.60 5.67 -12.54
C ALA A 61 5.80 4.56 -13.25
N LYS A 62 4.60 4.96 -13.70
CA LYS A 62 3.75 3.99 -14.36
C LYS A 62 4.48 3.45 -15.61
N LYS A 63 5.25 4.30 -16.27
CA LYS A 63 5.88 3.90 -17.54
C LYS A 63 6.99 2.90 -17.26
N GLU A 64 7.46 2.83 -16.00
CA GLU A 64 8.55 1.97 -15.65
C GLU A 64 8.08 0.68 -15.00
N GLY A 65 6.81 0.40 -15.02
CA GLY A 65 6.28 -0.83 -14.46
C GLY A 65 6.42 -2.00 -15.40
N PRO A 66 5.73 -3.11 -15.11
CA PRO A 66 4.87 -3.31 -13.94
C PRO A 66 5.70 -3.63 -12.70
N TYR A 67 4.99 -3.57 -11.60
CA TYR A 67 5.55 -3.76 -10.28
C TYR A 67 5.00 -5.04 -9.65
N ASP A 68 5.84 -5.65 -8.80
CA ASP A 68 5.43 -6.85 -8.06
C ASP A 68 4.42 -6.54 -6.97
N VAL A 69 4.40 -5.31 -6.47
CA VAL A 69 3.36 -4.87 -5.54
C VAL A 69 3.08 -3.39 -5.78
N VAL A 70 1.79 -3.02 -5.66
CA VAL A 70 1.34 -1.64 -5.57
C VAL A 70 0.86 -1.44 -4.16
N VAL A 71 1.43 -0.44 -3.48
CA VAL A 71 1.16 -0.16 -2.05
C VAL A 71 0.41 1.17 -1.91
N LEU A 72 -0.71 1.11 -1.20
CA LEU A 72 -1.51 2.26 -0.90
C LEU A 72 -1.44 2.55 0.62
N PRO A 73 -0.73 3.63 1.00
CA PRO A 73 -0.75 4.09 2.38
C PRO A 73 -2.16 4.56 2.77
N GLY A 74 -2.37 4.68 4.05
CA GLY A 74 -3.57 5.26 4.57
C GLY A 74 -3.47 6.74 4.82
N GLY A 75 -4.22 7.24 5.81
CA GLY A 75 -4.51 8.66 5.99
C GLY A 75 -5.82 8.93 5.26
N ASN A 76 -6.86 9.42 5.95
CA ASN A 76 -8.15 9.57 5.26
C ASN A 76 -8.07 10.47 4.04
N LEU A 77 -7.40 11.61 4.14
CA LEU A 77 -7.40 12.53 2.99
C LEU A 77 -6.55 11.97 1.88
N GLY A 78 -5.45 11.30 2.19
CA GLY A 78 -4.65 10.62 1.19
C GLY A 78 -5.43 9.52 0.49
N ALA A 79 -6.17 8.71 1.24
CA ALA A 79 -6.99 7.66 0.66
C ALA A 79 -8.08 8.24 -0.24
N GLN A 80 -8.63 9.38 0.16
N GLN A 80 -8.67 9.37 0.15
CA GLN A 80 -9.63 9.97 -0.71
CA GLN A 80 -9.65 10.04 -0.69
C GLN A 80 -9.01 10.48 -2.00
C GLN A 80 -9.01 10.48 -2.00
N ASN A 81 -7.84 11.08 -1.93
CA ASN A 81 -7.16 11.49 -3.16
C ASN A 81 -6.88 10.26 -4.03
N LEU A 82 -6.43 9.16 -3.46
CA LEU A 82 -6.20 7.92 -4.23
C LEU A 82 -7.50 7.44 -4.88
N SER A 83 -8.61 7.53 -4.12
CA SER A 83 -9.89 7.08 -4.56
C SER A 83 -10.48 7.90 -5.70
N GLU A 84 -10.09 9.16 -5.80
CA GLU A 84 -10.62 10.11 -6.80
C GLU A 84 -9.79 10.09 -8.04
N SER A 85 -8.66 9.38 -8.08
CA SER A 85 -7.74 9.47 -9.21
C SER A 85 -7.97 8.41 -10.26
N ALA A 86 -8.22 8.86 -11.50
CA ALA A 86 -8.33 7.94 -12.62
C ALA A 86 -7.04 7.21 -12.90
N ALA A 87 -5.90 7.85 -12.64
CA ALA A 87 -4.62 7.20 -12.84
C ALA A 87 -4.46 6.01 -11.88
N VAL A 88 -4.84 6.23 -10.61
CA VAL A 88 -4.78 5.11 -9.64
C VAL A 88 -5.76 4.02 -10.06
N LYS A 89 -6.96 4.37 -10.53
CA LYS A 89 -7.88 3.35 -11.00
C LYS A 89 -7.20 2.44 -12.03
N GLU A 90 -6.58 3.08 -13.02
CA GLU A 90 -5.95 2.33 -14.13
C GLU A 90 -4.85 1.43 -13.61
N ILE A 91 -3.97 1.98 -12.74
CA ILE A 91 -2.87 1.17 -12.20
C ILE A 91 -3.40 -0.03 -11.44
N LEU A 92 -4.40 0.17 -10.59
CA LEU A 92 -4.89 -0.92 -9.79
C LEU A 92 -5.63 -1.98 -10.63
N LYS A 93 -6.41 -1.53 -11.62
CA LYS A 93 -7.06 -2.49 -12.50
C LYS A 93 -6.04 -3.29 -13.25
N GLU A 94 -4.99 -2.65 -13.76
CA GLU A 94 -3.99 -3.38 -14.51
C GLU A 94 -3.28 -4.37 -13.59
N GLN A 95 -2.99 -3.96 -12.34
CA GLN A 95 -2.31 -4.86 -11.41
C GLN A 95 -3.16 -6.05 -11.10
N GLU A 96 -4.44 -5.80 -10.87
N GLU A 96 -4.48 -5.90 -10.85
CA GLU A 96 -5.35 -6.90 -10.61
CA GLU A 96 -5.34 -7.04 -10.64
C GLU A 96 -5.42 -7.81 -11.84
C GLU A 96 -5.36 -7.90 -11.91
N ASN A 97 -5.47 -7.18 -13.02
N ASN A 97 -5.53 -7.26 -13.07
CA ASN A 97 -5.62 -8.05 -14.20
CA ASN A 97 -5.63 -8.01 -14.32
C ASN A 97 -4.43 -8.98 -14.38
C ASN A 97 -4.41 -8.90 -14.57
N ARG A 98 -3.21 -8.49 -14.15
N ARG A 98 -3.23 -8.47 -14.12
CA ARG A 98 -1.99 -9.26 -14.32
CA ARG A 98 -2.02 -9.25 -14.35
C ARG A 98 -1.67 -10.14 -13.14
C ARG A 98 -1.71 -10.16 -13.17
N LYS A 99 -2.60 -10.21 -12.18
CA LYS A 99 -2.42 -11.10 -11.03
C LYS A 99 -1.19 -10.69 -10.18
N GLY A 100 -1.05 -9.38 -9.99
CA GLY A 100 -0.04 -8.84 -9.13
C GLY A 100 -0.60 -8.44 -7.79
N LEU A 101 0.25 -8.44 -6.77
CA LEU A 101 -0.13 -8.09 -5.42
C LEU A 101 -0.49 -6.59 -5.27
N ILE A 102 -1.53 -6.34 -4.50
CA ILE A 102 -1.93 -5.01 -4.10
C ILE A 102 -1.98 -5.03 -2.55
N ALA A 103 -1.36 -4.04 -1.92
CA ALA A 103 -1.26 -3.97 -0.48
C ALA A 103 -1.74 -2.61 -0.03
N ALA A 104 -2.65 -2.53 0.93
CA ALA A 104 -3.21 -1.29 1.40
C ALA A 104 -3.37 -1.31 2.91
N ILE A 105 -3.05 -0.23 3.59
CA ILE A 105 -3.11 -0.16 5.04
C ILE A 105 -4.05 0.95 5.54
N CYS A 106 -4.85 0.75 6.59
CA CYS A 106 -5.53 1.77 7.52
C CYS A 106 -6.80 2.39 6.86
N ALA A 107 -6.88 3.63 6.31
CA ALA A 107 -8.00 3.92 5.36
C ALA A 107 -7.60 3.56 3.92
N GLY A 108 -6.36 3.22 3.66
CA GLY A 108 -5.93 2.87 2.32
C GLY A 108 -6.83 1.90 1.57
N PRO A 109 -7.32 0.83 2.22
CA PRO A 109 -8.16 -0.11 1.49
C PRO A 109 -9.45 0.49 0.93
N THR A 110 -9.91 1.61 1.46
CA THR A 110 -11.10 2.23 0.92
C THR A 110 -10.91 2.70 -0.52
N ALA A 111 -9.67 2.90 -0.97
CA ALA A 111 -9.42 3.17 -2.36
C ALA A 111 -9.68 1.96 -3.24
N LEU A 112 -9.49 0.75 -2.68
CA LEU A 112 -9.87 -0.47 -3.41
C LEU A 112 -11.36 -0.47 -3.64
N LEU A 113 -12.16 -0.11 -2.65
CA LEU A 113 -13.61 -0.02 -2.83
C LEU A 113 -13.93 0.96 -3.92
N ALA A 114 -13.36 2.15 -3.88
CA ALA A 114 -13.66 3.21 -4.83
C ALA A 114 -13.43 2.74 -6.27
N HIS A 115 -12.39 1.93 -6.46
CA HIS A 115 -11.96 1.50 -7.79
C HIS A 115 -12.45 0.10 -8.13
N GLU A 116 -13.31 -0.47 -7.30
CA GLU A 116 -13.94 -1.77 -7.47
C GLU A 116 -12.89 -2.88 -7.62
N ILE A 117 -11.87 -2.85 -6.77
CA ILE A 117 -10.76 -3.80 -6.78
C ILE A 117 -10.96 -4.85 -5.72
N GLY A 118 -10.80 -6.11 -6.12
CA GLY A 118 -10.75 -7.19 -5.16
C GLY A 118 -12.02 -7.56 -4.46
N PHE A 119 -13.16 -7.26 -5.05
CA PHE A 119 -14.42 -7.61 -4.40
C PHE A 119 -14.46 -9.12 -4.17
N GLY A 120 -15.02 -9.51 -3.03
CA GLY A 120 -15.11 -10.88 -2.60
C GLY A 120 -13.96 -11.33 -1.72
N SER A 121 -13.01 -10.45 -1.50
CA SER A 121 -11.86 -10.71 -0.64
C SER A 121 -12.19 -10.45 0.83
N LYS A 122 -11.46 -11.16 1.70
N LYS A 122 -11.46 -11.14 1.71
CA LYS A 122 -11.45 -10.80 3.11
CA LYS A 122 -11.33 -10.78 3.09
C LYS A 122 -10.44 -9.66 3.24
C LYS A 122 -10.32 -9.65 3.27
N VAL A 123 -10.77 -8.63 4.02
CA VAL A 123 -9.95 -7.43 4.19
C VAL A 123 -10.05 -6.94 5.63
N THR A 124 -9.06 -6.18 6.03
CA THR A 124 -9.14 -5.38 7.23
C THR A 124 -8.81 -3.94 6.88
N THR A 125 -9.12 -3.03 7.83
CA THR A 125 -8.85 -1.62 7.70
C THR A 125 -8.62 -1.08 9.11
N HIS A 126 -8.34 0.20 9.24
CA HIS A 126 -8.46 0.81 10.57
C HIS A 126 -9.89 0.62 11.06
N PRO A 127 -10.10 0.42 12.34
CA PRO A 127 -11.48 0.32 12.85
C PRO A 127 -12.40 1.43 12.40
N LEU A 128 -11.91 2.67 12.33
CA LEU A 128 -12.75 3.79 11.96
C LEU A 128 -13.07 3.84 10.48
N ALA A 129 -12.41 3.04 9.65
CA ALA A 129 -12.66 2.96 8.23
C ALA A 129 -13.54 1.77 7.89
N LYS A 130 -13.92 0.93 8.84
CA LYS A 130 -14.70 -0.27 8.53
C LYS A 130 -15.98 0.05 7.80
N ASP A 131 -16.76 0.99 8.33
CA ASP A 131 -18.09 1.22 7.76
C ASP A 131 -17.96 1.66 6.32
N LYS A 132 -17.00 2.52 6.03
CA LYS A 132 -16.79 2.98 4.65
C LYS A 132 -16.43 1.79 3.75
N MET A 133 -15.47 0.98 4.18
CA MET A 133 -15.00 -0.17 3.39
C MET A 133 -16.12 -1.15 3.11
N MET A 134 -17.02 -1.30 4.10
CA MET A 134 -18.07 -2.31 4.03
C MET A 134 -19.33 -1.82 3.35
N ASN A 135 -19.39 -0.60 2.83
CA ASN A 135 -20.58 -0.11 2.18
C ASN A 135 -20.90 -0.97 0.98
N GLY A 136 -22.02 -1.66 0.98
CA GLY A 136 -22.41 -2.57 -0.08
C GLY A 136 -22.09 -4.02 0.19
N GLY A 137 -21.30 -4.31 1.20
CA GLY A 137 -20.97 -5.70 1.51
C GLY A 137 -20.13 -6.41 0.46
N HIS A 138 -19.22 -5.64 -0.19
CA HIS A 138 -18.44 -6.21 -1.27
C HIS A 138 -17.20 -6.99 -0.83
N TYR A 139 -16.83 -6.87 0.43
CA TYR A 139 -15.73 -7.54 1.06
C TYR A 139 -16.22 -8.22 2.33
N THR A 140 -15.43 -9.15 2.85
CA THR A 140 -15.71 -9.75 4.17
C THR A 140 -14.71 -9.16 5.16
N TYR A 141 -15.17 -8.66 6.27
CA TYR A 141 -14.30 -7.93 7.17
C TYR A 141 -13.58 -8.85 8.11
N SER A 142 -12.36 -8.51 8.45
CA SER A 142 -11.49 -9.18 9.39
C SER A 142 -10.94 -8.20 10.41
N GLU A 143 -10.74 -8.69 11.62
CA GLU A 143 -10.04 -7.92 12.66
C GLU A 143 -8.59 -8.36 12.81
N ASN A 144 -8.10 -9.24 11.91
CA ASN A 144 -6.67 -9.60 11.97
C ASN A 144 -5.83 -8.36 11.71
N ARG A 145 -4.67 -8.33 12.33
CA ARG A 145 -3.79 -7.17 12.22
C ARG A 145 -3.27 -7.01 10.79
N VAL A 146 -3.02 -8.11 10.12
CA VAL A 146 -2.72 -8.18 8.69
C VAL A 146 -3.65 -9.24 8.11
N GLU A 147 -4.26 -8.98 6.99
CA GLU A 147 -5.12 -9.91 6.31
C GLU A 147 -4.57 -10.08 4.89
N LYS A 148 -4.45 -11.30 4.41
CA LYS A 148 -4.00 -11.54 3.05
C LYS A 148 -4.91 -12.57 2.46
N ASP A 149 -5.69 -12.19 1.46
CA ASP A 149 -6.58 -13.09 0.75
C ASP A 149 -6.07 -13.08 -0.65
N GLY A 150 -5.17 -14.06 -0.90
CA GLY A 150 -4.51 -14.11 -2.17
C GLY A 150 -3.72 -12.84 -2.45
N LEU A 151 -4.10 -12.16 -3.54
CA LEU A 151 -3.37 -10.99 -4.01
C LEU A 151 -3.86 -9.66 -3.44
N ILE A 152 -4.71 -9.67 -2.43
CA ILE A 152 -5.15 -8.47 -1.72
C ILE A 152 -4.67 -8.57 -0.29
N LEU A 153 -3.77 -7.65 0.10
N LEU A 153 -3.74 -7.70 0.12
CA LEU A 153 -3.09 -7.70 1.41
CA LEU A 153 -3.07 -7.68 1.42
C LEU A 153 -3.48 -6.37 2.09
C LEU A 153 -3.41 -6.37 2.13
N THR A 154 -4.09 -6.46 3.28
CA THR A 154 -4.54 -5.26 3.98
C THR A 154 -4.08 -5.29 5.43
N SER A 155 -4.12 -4.15 6.08
CA SER A 155 -3.73 -4.04 7.50
C SER A 155 -4.41 -2.81 8.10
N ARG A 156 -4.23 -2.62 9.42
CA ARG A 156 -5.10 -1.76 10.20
C ARG A 156 -4.60 -0.41 10.55
N GLY A 157 -3.32 -0.16 10.84
CA GLY A 157 -2.96 1.17 11.36
C GLY A 157 -1.50 1.31 11.61
N PRO A 158 -1.09 2.47 12.14
CA PRO A 158 0.35 2.69 12.42
C PRO A 158 0.99 1.54 13.18
N GLY A 159 0.27 1.05 14.20
CA GLY A 159 0.79 0.00 15.05
C GLY A 159 0.83 -1.37 14.40
N THR A 160 0.27 -1.56 13.23
CA THR A 160 0.39 -2.79 12.48
C THR A 160 1.27 -2.64 11.25
N SER A 161 1.93 -1.48 11.11
N SER A 161 1.88 -1.47 11.08
CA SER A 161 2.60 -1.21 9.83
CA SER A 161 2.67 -1.16 9.89
C SER A 161 3.88 -2.01 9.69
C SER A 161 3.88 -2.05 9.68
N PHE A 162 4.58 -2.37 10.76
CA PHE A 162 5.75 -3.28 10.58
C PHE A 162 5.27 -4.65 10.12
N GLU A 163 4.20 -5.17 10.73
CA GLU A 163 3.64 -6.46 10.37
C GLU A 163 3.20 -6.45 8.90
N PHE A 164 2.53 -5.37 8.50
CA PHE A 164 2.11 -5.17 7.10
C PHE A 164 3.29 -5.22 6.16
N ALA A 165 4.31 -4.39 6.45
CA ALA A 165 5.48 -4.32 5.57
C ALA A 165 6.18 -5.65 5.49
N LEU A 166 6.32 -6.35 6.62
CA LEU A 166 7.00 -7.66 6.60
C LEU A 166 6.14 -8.71 5.87
N ALA A 167 4.84 -8.56 5.86
CA ALA A 167 3.97 -9.46 5.08
C ALA A 167 4.21 -9.24 3.57
N ILE A 168 4.41 -7.99 3.16
CA ILE A 168 4.75 -7.72 1.78
C ILE A 168 6.10 -8.38 1.44
N VAL A 169 7.09 -8.18 2.33
CA VAL A 169 8.41 -8.78 2.14
C VAL A 169 8.27 -10.29 2.01
N GLU A 170 7.50 -10.92 2.89
CA GLU A 170 7.34 -12.37 2.82
C GLU A 170 6.70 -12.81 1.52
N ALA A 171 5.69 -12.07 1.06
CA ALA A 171 5.01 -12.40 -0.17
C ALA A 171 5.94 -12.33 -1.39
N LEU A 172 6.84 -11.35 -1.41
CA LEU A 172 7.71 -11.13 -2.55
C LEU A 172 9.02 -11.90 -2.47
N ASN A 173 9.65 -11.90 -1.30
CA ASN A 173 10.99 -12.43 -1.12
C ASN A 173 11.08 -13.66 -0.23
N GLY A 174 9.99 -14.06 0.39
CA GLY A 174 9.94 -15.30 1.18
C GLY A 174 10.12 -15.04 2.69
N LYS A 175 9.75 -16.09 3.46
CA LYS A 175 9.75 -16.05 4.92
C LYS A 175 11.11 -15.82 5.47
N GLU A 176 12.18 -16.41 4.88
CA GLU A 176 13.52 -16.25 5.46
C GLU A 176 14.02 -14.84 5.36
N VAL A 177 13.82 -14.18 4.20
CA VAL A 177 14.20 -12.77 4.09
C VAL A 177 13.41 -11.95 5.04
N ALA A 178 12.10 -12.19 5.17
CA ALA A 178 11.32 -11.43 6.15
C ALA A 178 11.86 -11.55 7.56
N ALA A 179 12.22 -12.79 7.98
CA ALA A 179 12.76 -12.99 9.29
C ALA A 179 14.08 -12.27 9.48
N GLN A 180 14.93 -12.27 8.47
CA GLN A 180 16.23 -11.60 8.55
C GLN A 180 16.04 -10.10 8.66
N VAL A 181 15.11 -9.53 7.91
CA VAL A 181 14.86 -8.08 7.98
C VAL A 181 14.25 -7.73 9.32
N LYS A 182 13.40 -8.60 9.86
CA LYS A 182 12.70 -8.31 11.10
C LYS A 182 13.66 -8.18 12.29
N ALA A 183 14.66 -9.05 12.39
CA ALA A 183 15.44 -9.12 13.63
C ALA A 183 16.09 -7.80 14.01
N PRO A 184 16.73 -7.07 13.11
CA PRO A 184 17.37 -5.82 13.50
C PRO A 184 16.39 -4.69 13.83
N LEU A 185 15.11 -4.90 13.60
CA LEU A 185 14.12 -3.86 13.90
C LEU A 185 13.77 -3.73 15.35
N VAL A 186 14.08 -4.71 16.18
CA VAL A 186 13.74 -4.68 17.62
C VAL A 186 12.23 -4.67 17.83
N LEU A 187 11.48 -5.52 17.15
N LEU A 187 11.53 -5.55 17.12
CA LEU A 187 10.03 -5.63 17.33
CA LEU A 187 10.08 -5.70 17.33
C LEU A 187 9.64 -6.60 18.43
C LEU A 187 9.79 -6.37 18.65
N LYS A 188 8.55 -6.29 19.16
CA LYS A 188 8.39 -7.01 20.47
C LYS A 188 8.14 -8.48 20.19
#